data_2E5A
#
_entry.id   2E5A
#
_cell.length_a   81.439
_cell.length_b   81.439
_cell.length_c   120.532
_cell.angle_alpha   90.00
_cell.angle_beta   90.00
_cell.angle_gamma   120.00
#
_symmetry.space_group_name_H-M   'P 31 2 1'
#
loop_
_entity.id
_entity.type
_entity.pdbx_description
1 polymer 'Lipoyltransferase 1'
2 non-polymer 'MAGNESIUM ION'
3 non-polymer 'PHOSPHATE ION'
4 non-polymer "5'-O-[(R)-({5-[(3R)-1,2-DITHIOLAN-3-YL]PENTANOYL}OXY)(HYDROXY)PHOSPHORYL]ADENOSINE"
5 non-polymer 'ACETIC ACID'
6 water water
#
_entity_poly.entity_id   1
_entity_poly.type   'polypeptide(L)'
_entity_poly.pdbx_seq_one_letter_code
;TVKSGLILQSISNDVYHNLAVEDWIHDHMNLEGKPVLFLWRNSPTVVIGRHQNPWQECNLNLMREEGVKLARRRSGGGTV
YHDMGNINLTFFTTKKKYDRMENLKLVVRALKAVHPHLDVQATKRFDLLLDGQFKISGTASKIGRNAAYHHCTLLCGTDG
TFLSSLLKSPYQGIRSNATASTPALVKNLMEKDPTLTCEVVINAVATEYATSHQIDNHIHLINPTDETVFPGINSKAIEL
QTWEWIYGKTPKFSVDTSFTVLHEQSHVEIKVFIDVKNGRIEVCNIEAPDHWLPLEICDQLNSSLIGSKFSPIETTVLTS
ILHRTYPGDDELHSKWNILCEKIKGIM
;
_entity_poly.pdbx_strand_id   A
#
loop_
_chem_comp.id
_chem_comp.type
_chem_comp.name
_chem_comp.formula
ACY non-polymer 'ACETIC ACID' 'C2 H4 O2'
LAQ non-polymer 5'-O-[(R)-({5-[(3R)-1,2-DITHIOLAN-3-YL]PENTANOYL}OXY)(HYDROXY)PHOSPHORYL]ADENOSINE 'C18 H26 N5 O8 P S2'
MG non-polymer 'MAGNESIUM ION' 'Mg 2'
PO4 non-polymer 'PHOSPHATE ION' 'O4 P -3'
#
# COMPACT_ATOMS: atom_id res chain seq x y z
N GLY A 5 15.60 8.69 23.75
CA GLY A 5 15.18 8.02 22.48
C GLY A 5 15.35 6.51 22.46
N LEU A 6 14.87 5.88 21.39
CA LEU A 6 14.89 4.43 21.24
C LEU A 6 14.83 4.03 19.77
N ILE A 7 15.65 3.04 19.39
CA ILE A 7 15.70 2.56 18.01
C ILE A 7 15.28 1.10 17.93
N LEU A 8 14.21 0.84 17.18
CA LEU A 8 13.68 -0.52 17.05
C LEU A 8 13.71 -0.97 15.59
N GLN A 9 13.99 -2.25 15.39
CA GLN A 9 13.90 -2.83 14.07
C GLN A 9 13.09 -4.12 14.10
N SER A 10 12.07 -4.20 13.26
CA SER A 10 11.26 -5.40 13.19
C SER A 10 12.05 -6.53 12.52
N ILE A 11 11.88 -7.73 13.07
CA ILE A 11 12.50 -8.95 12.53
C ILE A 11 11.59 -9.55 11.45
N SER A 12 10.36 -9.06 11.39
CA SER A 12 9.32 -9.58 10.50
C SER A 12 9.34 -8.85 9.15
N ASN A 13 9.00 -9.56 8.09
CA ASN A 13 8.80 -8.95 6.78
C ASN A 13 7.33 -8.99 6.37
N ASP A 14 6.45 -9.25 7.32
CA ASP A 14 5.00 -9.26 7.11
C ASP A 14 4.43 -7.86 7.36
N VAL A 15 4.01 -7.20 6.28
CA VAL A 15 3.45 -5.84 6.34
C VAL A 15 2.36 -5.66 7.41
N TYR A 16 1.51 -6.65 7.58
CA TYR A 16 0.38 -6.51 8.48
C TYR A 16 0.80 -6.45 9.94
N HIS A 17 1.80 -7.24 10.29
CA HIS A 17 2.36 -7.21 11.65
C HIS A 17 3.20 -5.98 11.89
N ASN A 18 3.85 -5.49 10.84
CA ASN A 18 4.70 -4.29 10.93
C ASN A 18 3.86 -3.03 11.10
N LEU A 19 2.77 -2.95 10.31
CA LEU A 19 1.77 -1.91 10.49
C LEU A 19 1.11 -1.98 11.89
N ALA A 20 0.87 -3.20 12.39
CA ALA A 20 0.32 -3.38 13.75
C ALA A 20 1.24 -2.79 14.82
N VAL A 21 2.55 -2.92 14.63
CA VAL A 21 3.56 -2.31 15.51
C VAL A 21 3.37 -0.81 15.62
N GLU A 22 3.19 -0.16 14.46
CA GLU A 22 2.86 1.26 14.39
C GLU A 22 1.63 1.57 15.21
N ASP A 23 0.54 0.85 14.95
CA ASP A 23 -0.70 0.98 15.75
C ASP A 23 -0.40 0.89 17.23
N TRP A 24 0.34 -0.16 17.61
CA TRP A 24 0.63 -0.47 19.01
C TRP A 24 1.42 0.63 19.71
N ILE A 25 2.55 1.02 19.14
CA ILE A 25 3.39 2.06 19.72
C ILE A 25 2.59 3.36 19.85
N HIS A 26 1.88 3.71 18.78
CA HIS A 26 0.91 4.79 18.73
C HIS A 26 -0.06 4.77 19.91
N ASP A 27 -0.57 3.58 20.23
CA ASP A 27 -1.59 3.41 21.26
C ASP A 27 -1.05 3.31 22.68
N HIS A 28 0.18 2.82 22.84
CA HIS A 28 0.65 2.35 24.15
C HIS A 28 1.98 2.93 24.68
N MET A 29 2.85 3.43 23.80
CA MET A 29 4.15 3.92 24.27
C MET A 29 4.14 5.39 24.69
N ASN A 30 4.71 5.65 25.87
CA ASN A 30 4.91 7.01 26.34
C ASN A 30 6.11 7.61 25.62
N LEU A 31 5.83 8.57 24.74
CA LEU A 31 6.85 9.14 23.86
C LEU A 31 7.38 10.50 24.35
N GLU A 32 6.91 10.93 25.52
CA GLU A 32 7.37 12.17 26.15
C GLU A 32 8.84 12.06 26.56
N GLY A 33 9.68 12.86 25.92
CA GLY A 33 11.13 12.84 26.15
C GLY A 33 11.82 11.58 25.67
N LYS A 34 11.10 10.77 24.91
CA LYS A 34 11.61 9.48 24.44
C LYS A 34 11.05 9.12 23.07
N PRO A 35 11.54 9.80 22.00
CA PRO A 35 11.03 9.49 20.66
C PRO A 35 11.55 8.13 20.19
N VAL A 36 10.82 7.49 19.29
CA VAL A 36 11.20 6.17 18.79
C VAL A 36 11.41 6.18 17.28
N LEU A 37 12.56 5.66 16.84
CA LEU A 37 12.75 5.32 15.44
C LEU A 37 12.47 3.84 15.25
N PHE A 38 11.60 3.53 14.30
CA PHE A 38 11.23 2.16 13.99
C PHE A 38 11.57 1.85 12.52
N LEU A 39 12.42 0.85 12.33
CA LEU A 39 12.91 0.46 11.01
C LEU A 39 12.30 -0.87 10.61
N TRP A 40 11.83 -0.97 9.38
CA TRP A 40 11.16 -2.18 8.94
C TRP A 40 11.24 -2.41 7.43
N ARG A 41 11.26 -3.68 7.03
CA ARG A 41 11.23 -4.05 5.61
C ARG A 41 10.14 -5.08 5.39
N ASN A 42 9.41 -4.94 4.30
CA ASN A 42 8.36 -5.91 3.98
C ASN A 42 8.70 -6.74 2.76
N SER A 43 8.17 -7.96 2.71
CA SER A 43 8.14 -8.74 1.49
C SER A 43 7.27 -8.02 0.45
N PRO A 44 7.34 -8.42 -0.84
CA PRO A 44 6.57 -7.75 -1.90
C PRO A 44 5.13 -7.37 -1.51
N THR A 45 4.87 -6.06 -1.47
CA THR A 45 3.60 -5.51 -1.01
C THR A 45 3.31 -4.16 -1.66
N VAL A 46 2.10 -3.99 -2.19
CA VAL A 46 1.62 -2.68 -2.59
C VAL A 46 0.88 -2.10 -1.38
N VAL A 47 1.23 -0.87 -1.00
CA VAL A 47 0.60 -0.22 0.16
C VAL A 47 -0.15 1.03 -0.28
N ILE A 48 -1.47 0.99 -0.18
CA ILE A 48 -2.30 2.11 -0.58
C ILE A 48 -2.60 2.98 0.66
N GLY A 49 -2.82 4.27 0.43
CA GLY A 49 -3.22 5.17 1.50
C GLY A 49 -4.61 4.86 2.03
N ARG A 50 -4.90 5.37 3.22
CA ARG A 50 -6.17 5.13 3.92
C ARG A 50 -7.43 5.35 3.08
N HIS A 51 -7.41 6.36 2.21
CA HIS A 51 -8.60 6.75 1.46
C HIS A 51 -8.51 6.42 -0.03
N GLN A 52 -7.74 5.38 -0.35
CA GLN A 52 -7.49 5.03 -1.74
C GLN A 52 -8.31 3.85 -2.22
N ASN A 53 -8.31 3.67 -3.53
CA ASN A 53 -9.06 2.64 -4.24
C ASN A 53 -8.03 1.74 -4.94
N PRO A 54 -7.88 0.49 -4.46
CA PRO A 54 -6.81 -0.31 -5.03
C PRO A 54 -7.00 -0.73 -6.50
N TRP A 55 -8.24 -0.80 -6.98
CA TRP A 55 -8.51 -1.07 -8.41
C TRP A 55 -8.03 0.08 -9.28
N GLN A 56 -7.98 1.26 -8.69
CA GLN A 56 -7.53 2.49 -9.34
C GLN A 56 -6.00 2.60 -9.28
N GLU A 57 -5.41 2.00 -8.24
CA GLU A 57 -4.00 2.25 -7.91
C GLU A 57 -3.02 1.18 -8.35
N CYS A 58 -3.48 -0.05 -8.55
CA CYS A 58 -2.57 -1.11 -8.93
C CYS A 58 -3.16 -2.18 -9.84
N ASN A 59 -2.27 -2.98 -10.42
CA ASN A 59 -2.65 -4.12 -11.23
C ASN A 59 -2.82 -5.32 -10.32
N LEU A 60 -4.04 -5.50 -9.82
CA LEU A 60 -4.34 -6.53 -8.83
C LEU A 60 -4.18 -7.95 -9.37
N ASN A 61 -4.51 -8.13 -10.65
CA ASN A 61 -4.34 -9.42 -11.32
C ASN A 61 -2.88 -9.86 -11.34
N LEU A 62 -2.00 -8.95 -11.75
CA LEU A 62 -0.56 -9.20 -11.76
C LEU A 62 0.00 -9.44 -10.35
N MET A 63 -0.61 -8.80 -9.35
CA MET A 63 -0.20 -8.96 -7.96
C MET A 63 -0.56 -10.34 -7.43
N ARG A 64 -1.76 -10.79 -7.76
CA ARG A 64 -2.26 -12.09 -7.33
C ARG A 64 -1.43 -13.23 -7.91
N GLU A 65 -1.02 -13.08 -9.16
CA GLU A 65 -0.28 -14.12 -9.87
C GLU A 65 1.24 -14.00 -9.67
N GLU A 66 1.65 -13.07 -8.81
CA GLU A 66 3.06 -12.94 -8.48
C GLU A 66 3.28 -13.04 -6.98
N GLY A 67 2.19 -13.17 -6.23
CA GLY A 67 2.24 -13.28 -4.77
C GLY A 67 2.52 -11.97 -4.05
N VAL A 68 2.19 -10.86 -4.69
CA VAL A 68 2.38 -9.54 -4.10
C VAL A 68 1.17 -9.21 -3.23
N LYS A 69 1.41 -8.87 -1.96
CA LYS A 69 0.33 -8.54 -1.03
C LYS A 69 -0.22 -7.13 -1.25
N LEU A 70 -1.46 -6.91 -0.83
CA LEU A 70 -2.05 -5.58 -0.78
C LEU A 70 -2.33 -5.24 0.67
N ALA A 71 -1.89 -4.06 1.08
CA ALA A 71 -2.19 -3.54 2.41
C ALA A 71 -2.69 -2.11 2.31
N ARG A 72 -3.60 -1.74 3.20
CA ARG A 72 -4.02 -0.35 3.36
C ARG A 72 -3.48 0.15 4.70
N ARG A 73 -2.69 1.21 4.68
CA ARG A 73 -2.13 1.79 5.91
C ARG A 73 -3.15 2.76 6.53
N ARG A 74 -2.89 3.20 7.76
CA ARG A 74 -3.82 4.09 8.46
C ARG A 74 -3.61 5.57 8.12
N SER A 75 -2.44 5.89 7.58
CA SER A 75 -2.16 7.26 7.14
C SER A 75 -2.75 7.50 5.75
N GLY A 76 -2.99 8.77 5.43
CA GLY A 76 -3.45 9.18 4.11
C GLY A 76 -2.34 9.10 3.08
N GLY A 77 -2.59 9.65 1.89
CA GLY A 77 -1.58 9.73 0.84
C GLY A 77 -1.70 8.70 -0.27
N GLY A 78 -0.61 8.53 -1.02
CA GLY A 78 -0.60 7.69 -2.21
C GLY A 78 -0.08 6.27 -2.06
N THR A 79 0.02 5.60 -3.20
CA THR A 79 0.33 4.18 -3.25
C THR A 79 1.81 3.98 -3.57
N VAL A 80 2.46 3.12 -2.78
CA VAL A 80 3.85 2.76 -3.00
C VAL A 80 4.03 1.25 -3.09
N TYR A 81 5.16 0.82 -3.64
CA TYR A 81 5.52 -0.59 -3.64
C TYR A 81 6.64 -0.86 -2.64
N HIS A 82 6.47 -1.90 -1.83
CA HIS A 82 7.49 -2.35 -0.88
C HIS A 82 8.02 -3.71 -1.33
N ASP A 83 9.33 -3.85 -1.34
CA ASP A 83 9.94 -5.19 -1.30
C ASP A 83 11.18 -5.11 -0.43
N MET A 84 11.96 -6.18 -0.38
CA MET A 84 13.09 -6.27 0.54
C MET A 84 14.21 -5.27 0.25
N GLY A 85 14.18 -4.66 -0.93
CA GLY A 85 15.12 -3.60 -1.29
C GLY A 85 14.67 -2.21 -0.86
N ASN A 86 13.56 -2.15 -0.11
CA ASN A 86 13.00 -0.88 0.37
C ASN A 86 13.02 -0.83 1.89
N ILE A 87 13.51 0.28 2.45
CA ILE A 87 13.46 0.51 3.90
C ILE A 87 12.27 1.40 4.26
N ASN A 88 11.52 0.99 5.28
CA ASN A 88 10.54 1.88 5.88
C ASN A 88 11.03 2.43 7.20
N LEU A 89 10.80 3.72 7.42
CA LEU A 89 11.19 4.38 8.66
C LEU A 89 9.98 5.03 9.29
N THR A 90 9.77 4.77 10.57
CA THR A 90 8.72 5.45 11.31
C THR A 90 9.32 6.23 12.47
N PHE A 91 9.09 7.54 12.45
CA PHE A 91 9.51 8.45 13.52
C PHE A 91 8.30 8.74 14.42
N PHE A 92 8.29 8.15 15.62
CA PHE A 92 7.23 8.35 16.60
C PHE A 92 7.61 9.48 17.55
N THR A 93 6.72 10.44 17.71
CA THR A 93 6.92 11.53 18.68
C THR A 93 5.61 11.83 19.40
N THR A 94 5.66 12.71 20.39
CA THR A 94 4.47 13.36 20.91
C THR A 94 3.97 14.28 19.79
N LYS A 95 2.70 14.66 19.82
CA LYS A 95 2.16 15.57 18.81
C LYS A 95 2.96 16.88 18.75
N LYS A 96 3.38 17.37 19.92
CA LYS A 96 4.15 18.61 20.02
C LYS A 96 5.47 18.54 19.25
N LYS A 97 6.10 17.37 19.23
CA LYS A 97 7.39 17.20 18.55
C LYS A 97 7.29 16.67 17.11
N TYR A 98 6.07 16.57 16.59
CA TYR A 98 5.85 16.17 15.20
C TYR A 98 6.53 17.15 14.25
N ASP A 99 7.47 16.65 13.45
CA ASP A 99 8.27 17.50 12.54
C ASP A 99 8.82 16.67 11.40
N ARG A 100 8.05 16.57 10.32
CA ARG A 100 8.40 15.72 9.18
C ARG A 100 9.71 16.16 8.52
N MET A 101 9.90 17.47 8.39
CA MET A 101 11.06 17.99 7.69
C MET A 101 12.33 17.75 8.50
N GLU A 102 12.22 17.79 9.82
CA GLU A 102 13.36 17.45 10.71
C GLU A 102 13.83 16.04 10.44
N ASN A 103 12.87 15.11 10.32
CA ASN A 103 13.16 13.70 10.08
C ASN A 103 13.80 13.47 8.72
N LEU A 104 13.27 14.13 7.69
CA LEU A 104 13.83 14.02 6.36
C LEU A 104 15.26 14.55 6.27
N LYS A 105 15.53 15.65 6.96
CA LYS A 105 16.89 16.20 7.05
C LYS A 105 17.84 15.21 7.72
N LEU A 106 17.36 14.53 8.76
CA LEU A 106 18.14 13.49 9.45
C LEU A 106 18.52 12.37 8.50
N VAL A 107 17.58 11.94 7.67
CA VAL A 107 17.83 10.90 6.67
C VAL A 107 18.89 11.34 5.66
N VAL A 108 18.82 12.61 5.24
CA VAL A 108 19.80 13.18 4.30
C VAL A 108 21.21 13.14 4.90
N ARG A 109 21.33 13.53 6.17
CA ARG A 109 22.61 13.43 6.90
C ARG A 109 23.16 12.02 6.84
N ALA A 110 22.30 11.04 7.13
CA ALA A 110 22.67 9.63 7.19
C ALA A 110 23.20 9.11 5.85
N LEU A 111 22.49 9.46 4.78
CA LEU A 111 22.90 9.06 3.42
C LEU A 111 24.23 9.69 3.01
N LYS A 112 24.41 10.95 3.37
CA LYS A 112 25.66 11.68 3.10
C LYS A 112 26.85 11.13 3.89
N ALA A 113 26.57 10.57 5.07
CA ALA A 113 27.59 9.93 5.89
C ALA A 113 28.25 8.75 5.17
N VAL A 114 27.46 7.99 4.42
CA VAL A 114 27.97 6.80 3.70
C VAL A 114 28.24 7.10 2.21
N HIS A 115 27.81 8.27 1.76
CA HIS A 115 28.14 8.75 0.42
C HIS A 115 28.21 10.27 0.44
N PRO A 116 29.37 10.82 0.82
CA PRO A 116 29.56 12.26 0.98
C PRO A 116 29.15 13.04 -0.26
N HIS A 117 28.47 14.16 -0.05
CA HIS A 117 27.94 14.99 -1.13
C HIS A 117 26.97 14.27 -2.07
N LEU A 118 26.20 13.33 -1.52
CA LEU A 118 25.07 12.75 -2.26
C LEU A 118 24.03 13.85 -2.48
N ASP A 119 23.61 14.01 -3.73
CA ASP A 119 22.60 15.01 -4.06
C ASP A 119 21.21 14.43 -3.79
N VAL A 120 20.75 14.60 -2.55
CA VAL A 120 19.40 14.23 -2.14
C VAL A 120 18.77 15.44 -1.47
N GLN A 121 17.60 15.85 -1.95
CA GLN A 121 16.87 16.96 -1.35
C GLN A 121 15.46 16.57 -0.91
N ALA A 122 14.97 17.25 0.12
CA ALA A 122 13.60 17.08 0.59
C ALA A 122 12.75 18.20 -0.01
N THR A 123 11.61 17.82 -0.58
CA THR A 123 10.72 18.76 -1.22
C THR A 123 9.60 19.12 -0.26
N LYS A 124 8.84 20.16 -0.62
CA LYS A 124 7.72 20.68 0.17
C LYS A 124 6.63 19.64 0.48
N ARG A 125 6.42 18.70 -0.45
CA ARG A 125 5.46 17.60 -0.24
C ARG A 125 6.11 16.37 0.40
N PHE A 126 7.35 16.55 0.87
CA PHE A 126 8.08 15.58 1.71
C PHE A 126 8.65 14.38 0.97
N ASP A 127 8.82 14.51 -0.34
CA ASP A 127 9.57 13.52 -1.09
C ASP A 127 11.06 13.75 -0.89
N LEU A 128 11.85 12.69 -1.02
CA LEU A 128 13.28 12.85 -1.20
C LEU A 128 13.61 12.59 -2.66
N LEU A 129 14.30 13.54 -3.29
CA LEU A 129 14.72 13.41 -4.70
C LEU A 129 16.22 13.24 -4.85
N LEU A 130 16.63 12.19 -5.57
CA LEU A 130 18.05 11.95 -5.90
C LEU A 130 18.43 12.65 -7.20
N ASP A 131 19.54 13.39 -7.17
CA ASP A 131 20.04 14.18 -8.32
C ASP A 131 19.01 15.20 -8.86
N GLY A 132 18.16 15.69 -7.96
CA GLY A 132 17.16 16.69 -8.32
C GLY A 132 16.03 16.20 -9.22
N GLN A 133 15.97 14.89 -9.46
CA GLN A 133 15.03 14.35 -10.45
C GLN A 133 14.26 13.12 -10.02
N PHE A 134 14.90 12.24 -9.25
CA PHE A 134 14.37 10.90 -9.05
C PHE A 134 13.93 10.66 -7.62
N LYS A 135 12.70 10.20 -7.46
CA LYS A 135 12.12 9.94 -6.14
C LYS A 135 12.67 8.66 -5.52
N ILE A 136 13.24 8.79 -4.33
CA ILE A 136 13.74 7.62 -3.59
C ILE A 136 12.98 7.42 -2.28
N SER A 137 12.10 8.37 -1.94
CA SER A 137 11.36 8.34 -0.67
C SER A 137 10.06 9.12 -0.75
N GLY A 138 8.98 8.52 -0.25
CA GLY A 138 7.69 9.19 -0.10
C GLY A 138 7.26 9.16 1.36
N THR A 139 6.51 10.19 1.76
CA THR A 139 6.12 10.38 3.15
C THR A 139 4.61 10.33 3.37
N ALA A 140 4.21 9.78 4.52
CA ALA A 140 2.85 9.95 5.03
C ALA A 140 2.95 10.04 6.56
N SER A 141 1.83 10.32 7.23
CA SER A 141 1.85 10.50 8.67
C SER A 141 0.47 10.28 9.27
N LYS A 142 0.44 10.04 10.58
CA LYS A 142 -0.78 9.82 11.32
C LYS A 142 -0.66 10.46 12.70
N ILE A 143 -1.71 11.18 13.09
CA ILE A 143 -1.81 11.83 14.39
C ILE A 143 -2.86 11.09 15.19
N GLY A 144 -2.55 10.80 16.45
CA GLY A 144 -3.49 10.15 17.34
C GLY A 144 -3.65 10.91 18.63
N ARG A 145 -4.47 10.36 19.52
CA ARG A 145 -4.75 10.93 20.84
C ARG A 145 -3.46 11.22 21.62
N ASN A 146 -2.54 10.26 21.62
CA ASN A 146 -1.36 10.37 22.47
C ASN A 146 -0.05 10.53 21.73
N ALA A 147 -0.08 10.42 20.40
CA ALA A 147 1.14 10.33 19.62
C ALA A 147 0.95 10.79 18.17
N ALA A 148 2.06 11.12 17.54
CA ALA A 148 2.12 11.36 16.10
C ALA A 148 3.18 10.43 15.54
N TYR A 149 2.96 9.94 14.31
CA TYR A 149 4.06 9.28 13.59
C TYR A 149 4.17 9.72 12.15
N HIS A 150 5.42 9.85 11.72
CA HIS A 150 5.79 10.14 10.35
C HIS A 150 6.52 8.91 9.84
N HIS A 151 5.99 8.29 8.79
CA HIS A 151 6.71 7.20 8.15
C HIS A 151 7.05 7.50 6.69
N CYS A 152 8.20 7.03 6.25
CA CYS A 152 8.64 7.21 4.87
C CYS A 152 9.32 5.95 4.35
N THR A 153 9.41 5.86 3.03
CA THR A 153 10.12 4.79 2.36
C THR A 153 11.55 5.21 2.07
N LEU A 154 12.39 4.25 1.66
CA LEU A 154 13.75 4.53 1.19
C LEU A 154 14.17 3.43 0.20
N LEU A 155 14.20 3.77 -1.08
CA LEU A 155 14.49 2.79 -2.13
C LEU A 155 16.01 2.57 -2.28
N CYS A 156 16.45 1.39 -1.87
CA CYS A 156 17.85 1.00 -1.95
C CYS A 156 18.11 0.07 -3.15
N GLY A 157 17.38 -1.04 -3.21
CA GLY A 157 17.56 -2.03 -4.27
C GLY A 157 16.26 -2.62 -4.81
N THR A 158 15.21 -1.81 -4.79
CA THR A 158 13.87 -2.25 -5.18
C THR A 158 13.74 -2.44 -6.70
N ASP A 159 13.10 -3.53 -7.09
CA ASP A 159 12.82 -3.81 -8.50
C ASP A 159 11.96 -2.69 -9.12
N GLY A 160 12.63 -1.69 -9.70
CA GLY A 160 11.97 -0.49 -10.23
C GLY A 160 11.06 -0.68 -11.42
N THR A 161 11.44 -1.60 -12.31
CA THR A 161 10.61 -1.92 -13.47
C THR A 161 9.39 -2.70 -13.04
N PHE A 162 9.55 -3.56 -12.03
CA PHE A 162 8.45 -4.29 -11.45
C PHE A 162 7.53 -3.38 -10.62
N LEU A 163 8.14 -2.42 -9.92
CA LEU A 163 7.40 -1.40 -9.17
C LEU A 163 6.41 -0.67 -10.06
N SER A 164 6.90 -0.17 -11.19
CA SER A 164 6.10 0.59 -12.15
C SER A 164 4.95 -0.22 -12.74
N SER A 165 5.19 -1.51 -12.99
CA SER A 165 4.19 -2.37 -13.59
C SER A 165 3.05 -2.69 -12.61
N LEU A 166 3.39 -2.94 -11.35
CA LEU A 166 2.39 -3.22 -10.32
C LEU A 166 1.52 -2.02 -9.99
N LEU A 167 2.04 -0.82 -10.22
CA LEU A 167 1.32 0.42 -9.89
C LEU A 167 0.59 1.02 -11.09
N LYS A 168 0.55 0.28 -12.19
CA LYS A 168 -0.18 0.71 -13.38
C LYS A 168 -1.47 -0.10 -13.50
N SER A 169 -2.58 0.50 -13.09
CA SER A 169 -3.87 -0.19 -13.11
C SER A 169 -4.37 -0.42 -14.54
N PRO A 170 -4.82 -1.65 -14.84
CA PRO A 170 -5.45 -1.96 -16.12
C PRO A 170 -6.98 -1.85 -16.05
N TYR A 171 -7.51 -1.47 -14.89
CA TYR A 171 -8.96 -1.39 -14.68
C TYR A 171 -9.53 -0.11 -15.28
N GLN A 172 -10.50 -0.30 -16.17
CA GLN A 172 -11.06 0.77 -16.98
C GLN A 172 -12.47 1.13 -16.55
N GLY A 173 -12.83 2.40 -16.74
CA GLY A 173 -14.18 2.87 -16.51
C GLY A 173 -14.53 3.16 -15.08
N ILE A 174 -13.52 3.31 -14.23
CA ILE A 174 -13.75 3.62 -12.83
C ILE A 174 -13.95 5.12 -12.62
N ARG A 175 -15.11 5.45 -12.04
CA ARG A 175 -15.41 6.80 -11.59
C ARG A 175 -15.37 6.81 -10.08
N SER A 176 -14.44 7.57 -9.50
CA SER A 176 -14.37 7.73 -8.04
C SER A 176 -13.72 9.03 -7.62
N ASN A 177 -14.03 9.44 -6.41
CA ASN A 177 -13.36 10.58 -5.79
C ASN A 177 -12.41 10.15 -4.66
N ALA A 178 -11.97 8.89 -4.72
CA ALA A 178 -10.90 8.41 -3.84
C ALA A 178 -9.63 9.23 -4.04
N THR A 179 -8.75 9.23 -3.05
CA THR A 179 -7.47 9.94 -3.12
C THR A 179 -6.57 9.39 -4.22
N ALA A 180 -6.09 10.28 -5.10
CA ALA A 180 -5.18 9.90 -6.17
C ALA A 180 -3.74 9.84 -5.67
N SER A 181 -2.95 8.97 -6.30
CA SER A 181 -1.52 8.98 -6.11
C SER A 181 -0.89 9.95 -7.11
N THR A 182 0.37 10.27 -6.87
CA THR A 182 1.12 11.20 -7.71
C THR A 182 2.32 10.43 -8.27
N PRO A 183 2.18 9.90 -9.51
CA PRO A 183 3.27 9.18 -10.16
C PRO A 183 4.53 10.02 -10.28
N ALA A 184 5.68 9.36 -10.12
CA ALA A 184 6.97 10.02 -10.15
C ALA A 184 8.01 9.14 -10.81
N LEU A 185 9.06 9.75 -11.34
CA LEU A 185 10.25 9.02 -11.77
C LEU A 185 11.01 8.61 -10.51
N VAL A 186 11.25 7.32 -10.36
CA VAL A 186 11.97 6.80 -9.18
C VAL A 186 13.33 6.23 -9.55
N LYS A 187 14.20 6.12 -8.55
CA LYS A 187 15.50 5.49 -8.71
C LYS A 187 15.92 4.82 -7.39
N ASN A 188 16.75 3.80 -7.50
CA ASN A 188 17.35 3.13 -6.35
C ASN A 188 18.62 3.85 -5.92
N LEU A 189 18.94 3.77 -4.64
CA LEU A 189 20.22 4.26 -4.13
C LEU A 189 21.39 3.45 -4.68
N MET A 190 21.19 2.14 -4.85
CA MET A 190 22.21 1.23 -5.38
C MET A 190 22.49 1.42 -6.88
N GLU A 191 21.60 2.14 -7.56
CA GLU A 191 21.84 2.55 -8.94
C GLU A 191 22.88 3.66 -8.98
N LYS A 192 22.82 4.54 -7.98
CA LYS A 192 23.78 5.65 -7.85
C LYS A 192 25.11 5.16 -7.27
N ASP A 193 25.01 4.26 -6.29
CA ASP A 193 26.16 3.74 -5.57
C ASP A 193 25.82 2.36 -5.02
N PRO A 194 26.35 1.30 -5.66
CA PRO A 194 26.09 -0.10 -5.32
C PRO A 194 26.41 -0.51 -3.87
N THR A 195 27.05 0.37 -3.11
CA THR A 195 27.36 0.06 -1.71
C THR A 195 26.18 0.36 -0.78
N LEU A 196 25.24 1.15 -1.27
CA LEU A 196 24.09 1.61 -0.48
C LEU A 196 22.96 0.59 -0.42
N THR A 197 23.29 -0.59 0.10
CA THR A 197 22.33 -1.66 0.36
C THR A 197 21.47 -1.28 1.55
N CYS A 198 20.38 -2.01 1.75
CA CYS A 198 19.48 -1.75 2.88
C CYS A 198 20.22 -1.80 4.21
N GLU A 199 20.99 -2.87 4.40
CA GLU A 199 21.79 -3.08 5.60
C GLU A 199 22.67 -1.87 5.92
N VAL A 200 23.37 -1.37 4.90
CA VAL A 200 24.26 -0.23 5.04
C VAL A 200 23.50 1.06 5.39
N VAL A 201 22.38 1.30 4.71
CA VAL A 201 21.57 2.50 4.93
C VAL A 201 20.83 2.46 6.28
N ILE A 202 20.29 1.30 6.64
CA ILE A 202 19.69 1.10 7.97
C ILE A 202 20.70 1.51 9.06
N ASN A 203 21.89 0.93 8.99
CA ASN A 203 22.94 1.24 9.97
C ASN A 203 23.32 2.71 9.99
N ALA A 204 23.38 3.31 8.80
CA ALA A 204 23.65 4.74 8.65
C ALA A 204 22.58 5.62 9.30
N VAL A 205 21.31 5.23 9.10
CA VAL A 205 20.18 5.97 9.68
C VAL A 205 20.14 5.82 11.22
N ALA A 206 20.24 4.59 11.71
CA ALA A 206 20.30 4.34 13.15
C ALA A 206 21.43 5.15 13.81
N THR A 207 22.62 5.09 13.22
CA THR A 207 23.79 5.83 13.70
C THR A 207 23.51 7.31 13.81
N GLU A 208 22.96 7.89 12.74
CA GLU A 208 22.60 9.31 12.72
C GLU A 208 21.54 9.65 13.77
N TYR A 209 20.53 8.81 13.91
CA TYR A 209 19.48 9.00 14.91
C TYR A 209 20.07 8.95 16.33
N ALA A 210 20.99 8.01 16.55
CA ALA A 210 21.64 7.88 17.85
C ALA A 210 22.36 9.16 18.25
N THR A 211 23.21 9.66 17.35
CA THR A 211 23.95 10.92 17.57
C THR A 211 23.03 12.11 17.79
N SER A 212 21.97 12.20 16.99
CA SER A 212 21.04 13.34 17.02
C SER A 212 20.22 13.42 18.31
N HIS A 213 20.00 12.28 18.95
CA HIS A 213 19.19 12.21 20.18
C HIS A 213 20.00 11.85 21.42
N GLN A 214 21.32 11.72 21.27
CA GLN A 214 22.25 11.47 22.38
C GLN A 214 21.95 10.17 23.12
N ILE A 215 21.78 9.09 22.36
CA ILE A 215 21.51 7.78 22.93
C ILE A 215 22.52 6.79 22.38
N ASP A 216 22.59 5.60 22.97
CA ASP A 216 23.49 4.55 22.50
C ASP A 216 23.08 4.10 21.10
N ASN A 217 24.08 3.92 20.23
CA ASN A 217 23.85 3.40 18.88
C ASN A 217 23.53 1.91 18.91
N HIS A 218 22.33 1.58 19.41
CA HIS A 218 21.90 0.20 19.50
C HIS A 218 20.50 0.01 18.91
N ILE A 219 20.40 -0.88 17.94
CA ILE A 219 19.12 -1.25 17.35
C ILE A 219 18.53 -2.42 18.14
N HIS A 220 17.38 -2.18 18.77
CA HIS A 220 16.66 -3.26 19.46
C HIS A 220 15.78 -3.99 18.46
N LEU A 221 16.14 -5.23 18.17
CA LEU A 221 15.35 -6.08 17.28
C LEU A 221 14.10 -6.54 18.01
N ILE A 222 12.95 -6.44 17.35
CA ILE A 222 11.67 -6.73 17.99
C ILE A 222 10.84 -7.71 17.18
N ASN A 223 10.04 -8.50 17.88
CA ASN A 223 9.12 -9.45 17.26
C ASN A 223 7.68 -8.95 17.36
N PRO A 224 7.11 -8.49 16.23
CA PRO A 224 5.75 -7.94 16.22
C PRO A 224 4.63 -8.95 16.45
N THR A 225 4.96 -10.22 16.65
CA THR A 225 3.97 -11.25 16.99
C THR A 225 3.96 -11.58 18.48
N ASP A 226 4.94 -11.03 19.21
CA ASP A 226 5.09 -11.31 20.64
C ASP A 226 4.07 -10.57 21.51
N GLU A 227 3.07 -11.31 21.98
CA GLU A 227 2.02 -10.78 22.86
C GLU A 227 2.51 -10.38 24.25
N THR A 228 3.68 -10.87 24.66
CA THR A 228 4.24 -10.52 25.97
C THR A 228 4.89 -9.14 25.95
N VAL A 229 5.55 -8.83 24.83
CA VAL A 229 6.16 -7.51 24.64
C VAL A 229 5.11 -6.51 24.17
N PHE A 230 4.23 -6.95 23.27
CA PHE A 230 3.20 -6.09 22.70
C PHE A 230 1.79 -6.65 22.90
N PRO A 231 1.25 -6.59 24.13
CA PRO A 231 -0.10 -7.11 24.35
C PRO A 231 -1.15 -6.51 23.41
N GLY A 232 -1.91 -7.37 22.75
CA GLY A 232 -2.99 -6.95 21.86
C GLY A 232 -2.60 -6.74 20.41
N ILE A 233 -1.33 -7.02 20.09
CA ILE A 233 -0.80 -6.74 18.75
C ILE A 233 -1.36 -7.67 17.66
N ASN A 234 -1.61 -8.93 18.02
CA ASN A 234 -2.09 -9.89 17.04
C ASN A 234 -3.51 -9.59 16.56
N SER A 235 -4.34 -9.01 17.43
CA SER A 235 -5.68 -8.56 17.04
C SER A 235 -5.62 -7.36 16.08
N LYS A 236 -4.64 -6.48 16.28
CA LYS A 236 -4.38 -5.37 15.35
C LYS A 236 -3.96 -5.88 13.98
N ALA A 237 -3.07 -6.88 13.96
CA ALA A 237 -2.61 -7.48 12.71
C ALA A 237 -3.74 -8.20 11.97
N ILE A 238 -4.61 -8.86 12.74
CA ILE A 238 -5.80 -9.49 12.18
C ILE A 238 -6.70 -8.45 11.51
N GLU A 239 -7.08 -7.39 12.23
CA GLU A 239 -7.91 -6.35 11.67
C GLU A 239 -7.32 -5.81 10.36
N LEU A 240 -6.03 -5.50 10.37
CA LEU A 240 -5.34 -4.91 9.23
C LEU A 240 -5.35 -5.79 7.98
N GLN A 241 -5.55 -7.09 8.19
CA GLN A 241 -5.56 -8.06 7.10
C GLN A 241 -6.97 -8.50 6.68
N THR A 242 -7.99 -8.03 7.39
CA THR A 242 -9.37 -8.31 6.99
C THR A 242 -9.71 -7.69 5.64
N TRP A 243 -10.54 -8.38 4.87
CA TRP A 243 -11.07 -7.87 3.62
C TRP A 243 -11.77 -6.52 3.85
N GLU A 244 -12.45 -6.41 4.99
CA GLU A 244 -13.17 -5.19 5.36
C GLU A 244 -12.24 -3.97 5.47
N TRP A 245 -11.03 -4.19 6.00
CA TRP A 245 -10.07 -3.12 6.11
C TRP A 245 -9.40 -2.83 4.76
N ILE A 246 -8.83 -3.86 4.14
CA ILE A 246 -8.05 -3.69 2.93
C ILE A 246 -8.90 -3.18 1.75
N TYR A 247 -10.03 -3.86 1.49
CA TYR A 247 -10.90 -3.53 0.36
C TYR A 247 -12.16 -2.76 0.76
N GLY A 248 -12.72 -3.11 1.92
CA GLY A 248 -14.00 -2.57 2.36
C GLY A 248 -14.00 -1.08 2.69
N LYS A 249 -12.83 -0.53 2.95
CA LYS A 249 -12.69 0.91 3.24
C LYS A 249 -12.60 1.77 1.98
N THR A 250 -12.58 1.14 0.82
CA THR A 250 -12.54 1.85 -0.46
C THR A 250 -13.72 2.83 -0.55
N PRO A 251 -13.45 4.13 -0.81
CA PRO A 251 -14.55 5.07 -1.05
C PRO A 251 -15.48 4.61 -2.17
N LYS A 252 -16.74 5.02 -2.09
CA LYS A 252 -17.74 4.70 -3.11
C LYS A 252 -17.16 4.90 -4.50
N PHE A 253 -17.41 3.94 -5.39
CA PHE A 253 -17.05 4.10 -6.80
C PHE A 253 -18.03 3.41 -7.73
N SER A 254 -17.99 3.83 -9.00
CA SER A 254 -18.80 3.24 -10.03
C SER A 254 -17.89 2.69 -11.11
N VAL A 255 -18.36 1.63 -11.77
CA VAL A 255 -17.68 1.05 -12.92
C VAL A 255 -18.64 1.16 -14.10
N ASP A 256 -18.13 1.76 -15.18
CA ASP A 256 -18.85 1.88 -16.43
C ASP A 256 -17.91 1.37 -17.51
N THR A 257 -18.08 0.11 -17.89
CA THR A 257 -17.17 -0.51 -18.85
C THR A 257 -17.91 -1.48 -19.78
N SER A 258 -17.15 -2.08 -20.70
CA SER A 258 -17.69 -3.08 -21.61
C SER A 258 -16.61 -4.07 -22.04
N PHE A 259 -17.04 -5.19 -22.60
CA PHE A 259 -16.13 -6.13 -23.23
C PHE A 259 -16.86 -6.85 -24.36
N THR A 260 -16.07 -7.47 -25.22
CA THR A 260 -16.56 -8.14 -26.41
C THR A 260 -16.37 -9.65 -26.27
N VAL A 261 -17.41 -10.40 -26.65
CA VAL A 261 -17.36 -11.86 -26.66
C VAL A 261 -17.66 -12.35 -28.08
N LEU A 262 -16.88 -13.31 -28.56
CA LEU A 262 -17.04 -13.87 -29.90
C LEU A 262 -18.28 -14.76 -30.01
N HIS A 263 -18.94 -14.69 -31.17
CA HIS A 263 -20.22 -15.38 -31.38
C HIS A 263 -20.43 -15.79 -32.84
N SER A 266 -18.29 -12.89 -36.08
CA SER A 266 -18.75 -11.61 -35.53
C SER A 266 -18.52 -11.57 -34.02
N HIS A 267 -19.25 -10.71 -33.32
CA HIS A 267 -19.06 -10.53 -31.87
C HIS A 267 -20.31 -10.02 -31.16
N VAL A 268 -20.21 -9.93 -29.83
CA VAL A 268 -21.27 -9.36 -28.99
C VAL A 268 -20.61 -8.48 -27.91
N GLU A 269 -21.13 -7.25 -27.75
CA GLU A 269 -20.65 -6.36 -26.72
C GLU A 269 -21.53 -6.41 -25.47
N ILE A 270 -20.91 -6.59 -24.31
CA ILE A 270 -21.62 -6.57 -23.04
C ILE A 270 -21.26 -5.31 -22.26
N LYS A 271 -22.27 -4.56 -21.84
CA LYS A 271 -22.05 -3.35 -21.03
C LYS A 271 -22.18 -3.66 -19.55
N VAL A 272 -21.26 -3.11 -18.76
CA VAL A 272 -21.22 -3.34 -17.32
C VAL A 272 -21.37 -2.03 -16.55
N PHE A 273 -22.45 -1.92 -15.77
CA PHE A 273 -22.64 -0.81 -14.85
C PHE A 273 -22.74 -1.39 -13.44
N ILE A 274 -21.77 -1.04 -12.60
CA ILE A 274 -21.70 -1.53 -11.22
C ILE A 274 -21.32 -0.39 -10.30
N ASP A 275 -22.16 -0.13 -9.30
CA ASP A 275 -21.79 0.75 -8.20
C ASP A 275 -21.25 -0.11 -7.06
N VAL A 276 -20.09 0.30 -6.53
CA VAL A 276 -19.44 -0.40 -5.43
C VAL A 276 -19.35 0.52 -4.22
N LYS A 277 -19.95 0.08 -3.12
CA LYS A 277 -19.97 0.85 -1.89
C LYS A 277 -19.47 -0.04 -0.77
N ASN A 278 -18.60 0.51 0.07
CA ASN A 278 -17.91 -0.26 1.12
C ASN A 278 -17.26 -1.54 0.58
N GLY A 279 -16.81 -1.50 -0.67
CA GLY A 279 -16.18 -2.67 -1.30
C GLY A 279 -17.16 -3.73 -1.78
N ARG A 280 -18.47 -3.50 -1.54
CA ARG A 280 -19.52 -4.44 -1.92
C ARG A 280 -20.38 -3.92 -3.06
N ILE A 281 -20.82 -4.83 -3.94
CA ILE A 281 -21.70 -4.50 -5.07
C ILE A 281 -23.06 -4.00 -4.59
N GLU A 282 -23.26 -2.69 -4.69
CA GLU A 282 -24.48 -2.03 -4.25
C GLU A 282 -25.52 -2.00 -5.37
N VAL A 283 -25.06 -1.76 -6.60
CA VAL A 283 -25.90 -1.73 -7.78
C VAL A 283 -25.18 -2.51 -8.89
N CYS A 284 -25.92 -3.35 -9.61
CA CYS A 284 -25.31 -4.16 -10.66
C CYS A 284 -26.23 -4.32 -11.86
N ASN A 285 -25.72 -3.92 -13.01
CA ASN A 285 -26.45 -4.01 -14.27
C ASN A 285 -25.53 -4.44 -15.39
N ILE A 286 -25.46 -5.75 -15.60
CA ILE A 286 -24.71 -6.33 -16.69
C ILE A 286 -25.69 -6.50 -17.85
N GLU A 287 -25.39 -5.84 -18.97
CA GLU A 287 -26.35 -5.75 -20.08
C GLU A 287 -25.83 -6.48 -21.30
N ALA A 288 -26.32 -7.69 -21.50
CA ALA A 288 -26.00 -8.47 -22.70
C ALA A 288 -27.17 -8.36 -23.67
N PRO A 289 -26.87 -8.29 -24.98
CA PRO A 289 -27.92 -8.28 -26.00
C PRO A 289 -28.81 -9.51 -25.88
N ASP A 290 -30.12 -9.30 -25.86
CA ASP A 290 -31.05 -10.41 -25.65
C ASP A 290 -31.10 -11.43 -26.80
N HIS A 291 -30.42 -11.14 -27.90
CA HIS A 291 -30.25 -12.13 -28.97
C HIS A 291 -29.16 -13.15 -28.61
N TRP A 292 -28.37 -12.84 -27.59
CA TRP A 292 -27.24 -13.67 -27.19
C TRP A 292 -27.54 -14.42 -25.89
N LEU A 293 -28.07 -13.69 -24.92
CA LEU A 293 -28.49 -14.28 -23.63
C LEU A 293 -29.82 -13.68 -23.18
N PRO A 294 -30.77 -14.53 -22.74
CA PRO A 294 -32.08 -14.06 -22.26
C PRO A 294 -31.96 -13.04 -21.13
N LEU A 295 -32.84 -12.04 -21.14
CA LEU A 295 -32.85 -11.00 -20.13
C LEU A 295 -32.94 -11.56 -18.71
N GLU A 296 -33.80 -12.56 -18.52
CA GLU A 296 -34.00 -13.19 -17.22
C GLU A 296 -32.71 -13.78 -16.64
N ILE A 297 -31.86 -14.32 -17.52
CA ILE A 297 -30.58 -14.89 -17.12
C ILE A 297 -29.60 -13.79 -16.67
N CYS A 298 -29.52 -12.70 -17.42
CA CYS A 298 -28.72 -11.54 -17.00
C CYS A 298 -29.24 -10.94 -15.70
N ASP A 299 -30.56 -10.83 -15.59
CA ASP A 299 -31.21 -10.36 -14.35
C ASP A 299 -30.89 -11.25 -13.16
N GLN A 300 -30.85 -12.56 -13.40
CA GLN A 300 -30.41 -13.53 -12.39
C GLN A 300 -28.99 -13.20 -11.93
N LEU A 301 -28.09 -13.01 -12.88
CA LEU A 301 -26.69 -12.70 -12.60
C LEU A 301 -26.54 -11.40 -11.84
N ASN A 302 -27.24 -10.35 -12.29
CA ASN A 302 -27.26 -9.07 -11.58
C ASN A 302 -27.72 -9.18 -10.14
N SER A 303 -28.80 -9.94 -9.93
CA SER A 303 -29.43 -10.05 -8.62
C SER A 303 -28.56 -10.81 -7.61
N SER A 304 -27.86 -11.83 -8.08
CA SER A 304 -26.99 -12.64 -7.25
C SER A 304 -25.71 -11.91 -6.83
N LEU A 305 -25.29 -10.95 -7.65
CA LEU A 305 -24.12 -10.13 -7.36
C LEU A 305 -24.36 -9.04 -6.34
N ILE A 306 -25.62 -8.61 -6.18
CA ILE A 306 -25.97 -7.55 -5.23
C ILE A 306 -25.64 -7.92 -3.78
N GLY A 307 -24.93 -7.02 -3.11
CA GLY A 307 -24.49 -7.23 -1.74
C GLY A 307 -23.23 -8.08 -1.60
N SER A 308 -22.82 -8.73 -2.70
CA SER A 308 -21.59 -9.51 -2.71
C SER A 308 -20.35 -8.61 -2.74
N LYS A 309 -19.23 -9.12 -2.25
CA LYS A 309 -17.95 -8.42 -2.30
C LYS A 309 -17.50 -8.26 -3.73
N PHE A 310 -17.01 -7.07 -4.08
CA PHE A 310 -16.37 -6.83 -5.37
C PHE A 310 -15.03 -7.55 -5.35
N SER A 311 -15.08 -8.86 -5.63
CA SER A 311 -13.94 -9.75 -5.49
C SER A 311 -14.04 -10.93 -6.46
N PRO A 312 -12.91 -11.26 -7.14
CA PRO A 312 -12.87 -12.32 -8.15
C PRO A 312 -13.04 -13.72 -7.58
N ILE A 313 -12.98 -13.85 -6.26
CA ILE A 313 -13.19 -15.14 -5.59
C ILE A 313 -14.69 -15.35 -5.38
N GLU A 314 -15.33 -14.41 -4.69
CA GLU A 314 -16.77 -14.53 -4.40
C GLU A 314 -17.62 -14.12 -5.61
N THR A 315 -17.33 -14.75 -6.75
CA THR A 315 -18.07 -14.59 -8.00
C THR A 315 -18.06 -15.89 -8.82
N THR A 316 -17.16 -16.80 -8.46
CA THR A 316 -17.17 -18.15 -9.02
C THR A 316 -18.26 -18.99 -8.33
N VAL A 317 -18.61 -18.61 -7.11
CA VAL A 317 -19.61 -19.32 -6.31
C VAL A 317 -20.36 -18.35 -5.39
N ASP A 330 -26.51 -26.07 -22.35
CA ASP A 330 -25.18 -26.38 -22.89
C ASP A 330 -24.61 -25.16 -23.60
N GLU A 331 -25.40 -24.58 -24.50
CA GLU A 331 -25.02 -23.33 -25.17
C GLU A 331 -25.10 -22.17 -24.18
N LEU A 332 -26.15 -22.17 -23.35
CA LEU A 332 -26.35 -21.12 -22.35
C LEU A 332 -25.31 -21.18 -21.23
N HIS A 333 -24.95 -22.40 -20.84
CA HIS A 333 -23.97 -22.63 -19.78
C HIS A 333 -22.58 -22.14 -20.21
N SER A 334 -22.26 -22.35 -21.49
CA SER A 334 -21.02 -21.88 -22.09
C SER A 334 -20.94 -20.36 -22.17
N LYS A 335 -22.07 -19.71 -22.45
CA LYS A 335 -22.15 -18.25 -22.51
C LYS A 335 -22.05 -17.64 -21.12
N TRP A 336 -22.72 -18.27 -20.16
CA TRP A 336 -22.66 -17.89 -18.75
C TRP A 336 -21.22 -17.88 -18.23
N ASN A 337 -20.47 -18.94 -18.53
CA ASN A 337 -19.07 -19.04 -18.10
C ASN A 337 -18.17 -17.97 -18.69
N ILE A 338 -18.32 -17.70 -19.99
CA ILE A 338 -17.58 -16.64 -20.66
C ILE A 338 -17.89 -15.29 -20.00
N LEU A 339 -19.17 -15.05 -19.71
CA LEU A 339 -19.61 -13.83 -19.08
C LEU A 339 -19.08 -13.68 -17.63
N CYS A 340 -19.22 -14.74 -16.84
CA CYS A 340 -18.68 -14.76 -15.47
C CYS A 340 -17.18 -14.51 -15.42
N GLU A 341 -16.43 -15.06 -16.37
CA GLU A 341 -14.98 -14.90 -16.44
C GLU A 341 -14.53 -13.49 -16.81
N LYS A 342 -15.30 -12.83 -17.67
CA LYS A 342 -15.05 -11.43 -18.01
C LYS A 342 -15.31 -10.52 -16.81
N ILE A 343 -16.40 -10.78 -16.09
CA ILE A 343 -16.76 -10.04 -14.87
C ILE A 343 -15.71 -10.25 -13.77
N LYS A 344 -15.29 -11.50 -13.58
CA LYS A 344 -14.21 -11.84 -12.65
C LYS A 344 -12.97 -10.98 -12.96
N GLY A 345 -12.69 -10.82 -14.24
CA GLY A 345 -11.52 -10.09 -14.72
C GLY A 345 -11.47 -8.60 -14.48
N ILE A 346 -12.59 -8.00 -14.06
CA ILE A 346 -12.60 -6.57 -13.70
C ILE A 346 -12.51 -6.34 -12.19
N MET A 347 -12.39 -7.43 -11.43
CA MET A 347 -12.36 -7.37 -9.97
C MET A 347 -10.98 -7.71 -9.43
MG MG B . 5.87 12.47 -0.02
P PO4 C . 17.21 -6.20 23.66
O1 PO4 C . 18.55 -6.83 23.97
O2 PO4 C . 16.80 -5.30 24.80
O3 PO4 C . 17.32 -5.39 22.39
O4 PO4 C . 16.18 -7.28 23.47
P PO4 D . 26.67 19.03 0.69
O1 PO4 D . 27.14 17.65 1.06
O2 PO4 D . 27.78 20.02 0.94
O3 PO4 D . 26.28 19.06 -0.77
O4 PO4 D . 25.47 19.40 1.54
O2P LAQ E . 1.30 9.47 -4.38
P LAQ E . 2.65 9.57 -3.72
O1P LAQ E . 3.20 10.91 -3.32
O3P LAQ E . 2.53 8.62 -2.42
C10 LAQ E . 3.57 8.41 -1.44
C11 LAQ E . 3.12 7.83 -0.12
C12 LAQ E . 4.28 7.32 0.72
C13 LAQ E . 3.79 6.35 1.78
C14 LAQ E . 4.94 5.85 2.64
C15 LAQ E . 4.49 4.82 3.68
S15 LAQ E . 3.88 3.31 2.99
S17 LAQ E . 3.96 2.35 4.77
C17 LAQ E . 5.34 3.20 5.46
C16 LAQ E . 5.66 4.41 4.56
O10 LAQ E . 4.74 8.68 -1.71
O5' LAQ E . 3.77 8.80 -4.57
C5' LAQ E . 3.53 7.53 -5.18
C4' LAQ E . 4.56 7.36 -6.30
C3' LAQ E . 4.36 6.13 -7.16
O3' LAQ E . 3.41 6.36 -8.18
C2' LAQ E . 5.76 5.89 -7.69
O2' LAQ E . 6.06 6.90 -8.66
C1' LAQ E . 6.62 6.25 -6.50
O4' LAQ E . 5.87 7.19 -5.74
N9 LAQ E . 6.92 5.11 -5.60
C8 LAQ E . 6.38 3.87 -5.59
N7 LAQ E . 6.90 3.11 -4.60
C5 LAQ E . 7.79 3.89 -3.94
C6 LAQ E . 8.70 3.73 -2.79
N6 LAQ E . 8.79 2.58 -2.09
N1 LAQ E . 9.46 4.80 -2.45
C2 LAQ E . 9.41 5.97 -3.10
N3 LAQ E . 8.61 6.17 -4.15
C4 LAQ E . 7.79 5.19 -4.61
C ACY F . 6.40 19.37 9.14
O ACY F . 7.60 19.50 8.79
OXT ACY F . 5.94 18.41 9.83
CH3 ACY F . 5.45 20.42 8.68
#